data_6VBI
#
_entry.id   6VBI
#
_cell.length_a   65.975
_cell.length_b   85.519
_cell.length_c   124.381
_cell.angle_alpha   90.000
_cell.angle_beta   90.000
_cell.angle_gamma   90.000
#
_symmetry.space_group_name_H-M   'P 21 21 21'
#
loop_
_entity.id
_entity.type
_entity.pdbx_description
1 polymer "cGMP-specific 3',5'-cyclic phosphodiesterase"
2 non-polymer "(13bS)-4,9-dimethoxy-14-methyl-8,13,13b,14-tetrahydroindolo[2',3':3,4]pyrido[2,1-b]quinazolin-5(7H)-one"
3 water water
#
_entity_poly.entity_id   1
_entity_poly.type   'polypeptide(L)'
_entity_poly.pdbx_seq_one_letter_code
;EETRELQSLAAAVVPSAQTLKITDFSFSDFELSDLETALCTIRMFTDLNLVQNFQMKHEVLCRWILSVKKNYRKNVAYHN
WRHAFNTAQCMFAALKAGKIQNKLTDLEILALLIAALSHDLDHRGVNNSYIQRSEHPLAQLYCHSIMEHHHFDQCLMILN
SPGNQILSGLSIEEYKTTLKIIKQAILATDLALYIKRRGEFFELIRKNQFNLEDPHQKELFLAMLMTACDLSAITKPWPI
QQRIAELVATEFFDQGDRERKELNIEPTDLMNREKKNKIPSMQVGFIDAICLQLYEALTHVSEDCFPLLDGCRKNRQKWQ
ALAEQ
;
_entity_poly.pdbx_strand_id   A,B
#
loop_
_chem_comp.id
_chem_comp.type
_chem_comp.name
_chem_comp.formula
FZA non-polymer (13bS)-4,9-dimethoxy-14-methyl-8,13,13b,14-tetrahydroindolo[2',3':3,4]pyrido[2,1-b]quinazolin-5(7H)-one 'C21 H21 N3 O3'
#
# COMPACT_ATOMS: atom_id res chain seq x y z
N GLU A 1 -10.09 0.71 23.74
CA GLU A 1 -9.18 -0.40 23.45
C GLU A 1 -9.58 -1.05 22.13
N GLU A 2 -10.23 -2.21 22.19
CA GLU A 2 -10.91 -2.77 21.03
C GLU A 2 -12.42 -2.84 21.21
N THR A 3 -12.95 -2.52 22.40
CA THR A 3 -14.33 -2.08 22.51
C THR A 3 -14.54 -0.85 21.64
N ARG A 4 -13.57 0.05 21.65
CA ARG A 4 -13.60 1.26 20.84
C ARG A 4 -13.87 0.92 19.37
N GLU A 5 -13.09 -0.03 18.83
CA GLU A 5 -13.21 -0.42 17.44
C GLU A 5 -14.59 -1.01 17.13
N LEU A 6 -15.04 -1.96 17.96
CA LEU A 6 -16.36 -2.56 17.73
C LEU A 6 -17.45 -1.51 17.80
N GLN A 7 -17.43 -0.66 18.85
CA GLN A 7 -18.40 0.43 18.98
C GLN A 7 -18.42 1.30 17.74
N SER A 8 -17.24 1.65 17.25
CA SER A 8 -17.15 2.50 16.07
C SER A 8 -17.64 1.77 14.81
N LEU A 9 -17.35 0.47 14.72
CA LEU A 9 -17.80 -0.30 13.56
C LEU A 9 -19.32 -0.45 13.56
N ALA A 10 -19.90 -0.83 14.69
CA ALA A 10 -21.33 -1.11 14.72
C ALA A 10 -22.14 0.15 14.51
N ALA A 11 -21.61 1.31 14.92
CA ALA A 11 -22.36 2.55 14.79
C ALA A 11 -22.27 3.15 13.40
N ALA A 12 -21.29 2.76 12.60
CA ALA A 12 -21.06 3.47 11.36
C ALA A 12 -22.09 3.11 10.29
N VAL A 13 -22.32 4.07 9.40
CA VAL A 13 -23.10 3.85 8.20
C VAL A 13 -22.34 2.87 7.32
N VAL A 14 -23.04 1.86 6.80
CA VAL A 14 -22.46 0.87 5.92
C VAL A 14 -22.72 1.34 4.48
N PRO A 15 -21.71 1.84 3.77
CA PRO A 15 -21.95 2.41 2.44
C PRO A 15 -22.40 1.33 1.46
N SER A 16 -22.95 1.77 0.35
CA SER A 16 -23.47 0.83 -0.62
C SER A 16 -22.34 0.05 -1.26
N ALA A 17 -22.68 -1.14 -1.77
CA ALA A 17 -21.75 -1.89 -2.59
C ALA A 17 -21.16 -1.02 -3.71
N GLN A 18 -21.98 -0.15 -4.32
CA GLN A 18 -21.49 0.63 -5.46
C GLN A 18 -20.49 1.68 -5.01
N THR A 19 -20.78 2.37 -3.91
CA THR A 19 -19.82 3.29 -3.33
C THR A 19 -18.50 2.58 -3.02
N LEU A 20 -18.56 1.38 -2.43
CA LEU A 20 -17.33 0.73 -1.99
C LEU A 20 -16.58 0.06 -3.13
N LYS A 21 -17.20 -0.07 -4.31
CA LYS A 21 -16.62 -0.70 -5.50
C LYS A 21 -16.32 -2.18 -5.30
N ILE A 22 -17.00 -2.83 -4.34
CA ILE A 22 -16.73 -4.23 -4.06
C ILE A 22 -17.36 -5.16 -5.09
N THR A 23 -18.23 -4.65 -5.96
CA THR A 23 -18.73 -5.48 -7.05
C THR A 23 -17.75 -5.53 -8.23
N ASP A 24 -16.69 -4.70 -8.23
CA ASP A 24 -15.75 -4.67 -9.35
C ASP A 24 -14.65 -5.70 -9.14
N PHE A 25 -14.31 -6.42 -10.20
CA PHE A 25 -13.09 -7.23 -10.15
C PHE A 25 -11.83 -6.38 -10.05
N SER A 26 -11.92 -5.10 -10.39
CA SER A 26 -10.73 -4.26 -10.32
C SER A 26 -10.50 -3.65 -8.93
N PHE A 27 -11.33 -4.01 -7.95
CA PHE A 27 -11.27 -3.48 -6.58
C PHE A 27 -9.86 -3.42 -6.00
N SER A 28 -9.55 -2.27 -5.41
CA SER A 28 -8.28 -2.01 -4.75
C SER A 28 -8.55 -1.69 -3.29
N ASP A 29 -7.83 -2.34 -2.38
CA ASP A 29 -8.06 -2.14 -0.96
C ASP A 29 -7.07 -1.18 -0.30
N PHE A 30 -6.01 -0.76 -1.00
CA PHE A 30 -4.87 -0.13 -0.31
C PHE A 30 -5.28 1.16 0.39
N GLU A 31 -6.20 1.92 -0.19
CA GLU A 31 -6.66 3.16 0.40
C GLU A 31 -7.60 2.95 1.59
N LEU A 32 -8.15 1.75 1.75
CA LEU A 32 -9.07 1.50 2.86
C LEU A 32 -8.33 1.23 4.16
N SER A 33 -8.83 1.82 5.25
CA SER A 33 -8.39 1.40 6.56
C SER A 33 -8.94 0.02 6.87
N ASP A 34 -8.29 -0.69 7.81
CA ASP A 34 -8.80 -1.98 8.26
C ASP A 34 -10.27 -1.88 8.63
N LEU A 35 -10.64 -0.81 9.32
CA LEU A 35 -12.03 -0.65 9.73
C LEU A 35 -12.94 -0.50 8.52
N GLU A 36 -12.49 0.20 7.48
CA GLU A 36 -13.28 0.26 6.25
C GLU A 36 -13.39 -1.11 5.55
N THR A 37 -12.36 -1.95 5.65
CA THR A 37 -12.50 -3.29 5.09
C THR A 37 -13.54 -4.09 5.87
N ALA A 38 -13.71 -3.83 7.17
CA ALA A 38 -14.78 -4.49 7.93
C ALA A 38 -16.16 -4.01 7.46
N LEU A 39 -16.33 -2.70 7.26
CA LEU A 39 -17.56 -2.20 6.65
C LEU A 39 -17.82 -2.82 5.30
N CYS A 40 -16.79 -2.91 4.45
CA CYS A 40 -16.93 -3.59 3.16
C CYS A 40 -17.42 -5.02 3.36
N THR A 41 -16.87 -5.69 4.38
CA THR A 41 -17.27 -7.07 4.66
C THR A 41 -18.74 -7.13 5.08
N ILE A 42 -19.16 -6.25 6.00
CA ILE A 42 -20.57 -6.20 6.37
C ILE A 42 -21.43 -6.05 5.13
N ARG A 43 -21.02 -5.17 4.21
CA ARG A 43 -21.82 -4.93 3.02
C ARG A 43 -21.95 -6.19 2.16
N MET A 44 -20.89 -7.03 2.14
CA MET A 44 -20.92 -8.27 1.38
C MET A 44 -21.95 -9.22 1.95
N PHE A 45 -21.92 -9.44 3.28
CA PHE A 45 -22.95 -10.23 3.94
C PHE A 45 -24.34 -9.64 3.68
N THR A 46 -24.46 -8.30 3.68
CA THR A 46 -25.77 -7.70 3.54
C THR A 46 -26.34 -7.92 2.14
N ASP A 47 -25.52 -7.75 1.11
CA ASP A 47 -26.06 -7.75 -0.25
C ASP A 47 -26.21 -9.15 -0.82
N LEU A 48 -25.65 -10.15 -0.15
CA LEU A 48 -25.91 -11.53 -0.47
C LEU A 48 -27.11 -12.06 0.29
N ASN A 49 -27.82 -11.17 1.00
CA ASN A 49 -29.05 -11.49 1.73
C ASN A 49 -28.81 -12.44 2.89
N LEU A 50 -27.55 -12.58 3.34
CA LEU A 50 -27.23 -13.47 4.44
C LEU A 50 -27.66 -12.87 5.79
N VAL A 51 -27.49 -11.57 5.98
CA VAL A 51 -27.95 -10.93 7.21
C VAL A 51 -29.45 -11.12 7.36
N GLN A 52 -30.21 -10.90 6.29
CA GLN A 52 -31.65 -11.04 6.37
C GLN A 52 -32.07 -12.51 6.55
N ASN A 53 -31.69 -13.37 5.60
CA ASN A 53 -32.21 -14.74 5.60
C ASN A 53 -31.82 -15.53 6.85
N PHE A 54 -30.72 -15.20 7.50
CA PHE A 54 -30.31 -15.96 8.68
C PHE A 54 -30.32 -15.12 9.95
N GLN A 55 -31.00 -13.98 9.92
CA GLN A 55 -31.26 -13.14 11.09
C GLN A 55 -29.99 -12.93 11.93
N MET A 56 -28.98 -12.35 11.29
CA MET A 56 -27.74 -12.04 11.98
C MET A 56 -27.89 -10.70 12.67
N LYS A 57 -27.67 -10.67 13.97
CA LYS A 57 -27.63 -9.40 14.68
C LYS A 57 -26.42 -8.57 14.22
N HIS A 58 -26.65 -7.28 14.05
CA HIS A 58 -25.59 -6.41 13.52
C HIS A 58 -24.36 -6.41 14.41
N GLU A 59 -24.54 -6.33 15.73
CA GLU A 59 -23.39 -6.27 16.62
C GLU A 59 -22.60 -7.58 16.57
N VAL A 60 -23.32 -8.70 16.45
CA VAL A 60 -22.69 -10.01 16.42
C VAL A 60 -21.83 -10.15 15.15
N LEU A 61 -22.38 -9.77 14.00
CA LEU A 61 -21.62 -9.84 12.76
C LEU A 61 -20.41 -8.92 12.81
N CYS A 62 -20.55 -7.74 13.42
CA CYS A 62 -19.41 -6.83 13.58
C CYS A 62 -18.31 -7.45 14.42
N ARG A 63 -18.70 -8.06 15.54
CA ARG A 63 -17.72 -8.66 16.44
C ARG A 63 -17.03 -9.85 15.79
N TRP A 64 -17.78 -10.70 15.10
CA TRP A 64 -17.18 -11.82 14.38
C TRP A 64 -16.17 -11.33 13.34
N ILE A 65 -16.53 -10.30 12.58
CA ILE A 65 -15.61 -9.75 11.59
C ILE A 65 -14.33 -9.25 12.26
N LEU A 66 -14.46 -8.58 13.41
CA LEU A 66 -13.27 -8.09 14.09
C LEU A 66 -12.48 -9.23 14.72
N SER A 67 -13.15 -10.27 15.22
CA SER A 67 -12.46 -11.45 15.72
C SER A 67 -11.62 -12.10 14.63
N VAL A 68 -12.22 -12.30 13.46
CA VAL A 68 -11.49 -12.85 12.31
C VAL A 68 -10.26 -11.98 12.01
N LYS A 69 -10.47 -10.67 11.83
CA LYS A 69 -9.35 -9.77 11.51
C LYS A 69 -8.26 -9.85 12.57
N LYS A 70 -8.65 -9.83 13.84
CA LYS A 70 -7.65 -9.80 14.91
C LYS A 70 -6.78 -11.04 14.85
N ASN A 71 -7.38 -12.18 14.58
CA ASN A 71 -6.66 -13.43 14.53
C ASN A 71 -5.79 -13.59 13.29
N TYR A 72 -5.77 -12.64 12.36
CA TYR A 72 -4.82 -12.68 11.26
C TYR A 72 -3.55 -11.87 11.54
N ARG A 73 -3.48 -11.18 12.68
CA ARG A 73 -2.54 -10.07 12.81
C ARG A 73 -1.09 -10.51 12.74
N LYS A 74 -0.77 -11.77 13.04
CA LYS A 74 0.62 -12.25 12.98
C LYS A 74 0.95 -13.00 11.69
N ASN A 75 0.02 -13.10 10.75
CA ASN A 75 0.28 -13.85 9.52
C ASN A 75 1.12 -13.05 8.53
N VAL A 76 1.86 -13.78 7.69
CA VAL A 76 2.58 -13.10 6.60
C VAL A 76 1.58 -12.54 5.60
N ALA A 77 2.09 -11.64 4.74
CA ALA A 77 1.24 -10.83 3.88
C ALA A 77 0.40 -11.66 2.93
N TYR A 78 0.96 -12.76 2.40
CA TYR A 78 0.19 -13.59 1.47
C TYR A 78 -0.94 -14.37 2.15
N HIS A 79 -0.95 -14.40 3.48
CA HIS A 79 -1.98 -15.10 4.24
C HIS A 79 -2.59 -14.22 5.32
N ASN A 80 -2.56 -12.90 5.14
CA ASN A 80 -3.02 -12.00 6.18
C ASN A 80 -4.50 -11.62 5.99
N TRP A 81 -5.00 -10.75 6.87
CA TRP A 81 -6.38 -10.28 6.79
C TRP A 81 -6.68 -9.63 5.43
N ARG A 82 -5.77 -8.79 4.93
CA ARG A 82 -5.97 -8.23 3.60
C ARG A 82 -6.09 -9.32 2.55
N HIS A 83 -5.30 -10.38 2.66
CA HIS A 83 -5.46 -11.47 1.72
C HIS A 83 -6.85 -12.08 1.83
N ALA A 84 -7.31 -12.33 3.05
CA ALA A 84 -8.60 -12.99 3.21
C ALA A 84 -9.74 -12.06 2.87
N PHE A 85 -9.57 -10.77 3.18
CA PHE A 85 -10.57 -9.79 2.81
C PHE A 85 -10.72 -9.75 1.29
N ASN A 86 -9.60 -9.79 0.55
CA ASN A 86 -9.66 -9.75 -0.91
C ASN A 86 -10.14 -11.08 -1.50
N THR A 87 -9.85 -12.21 -0.83
CA THR A 87 -10.43 -13.47 -1.26
C THR A 87 -11.95 -13.41 -1.18
N ALA A 88 -12.45 -12.79 -0.10
CA ALA A 88 -13.87 -12.59 0.07
C ALA A 88 -14.43 -11.62 -0.98
N GLN A 89 -13.69 -10.54 -1.29
CA GLN A 89 -14.19 -9.58 -2.27
C GLN A 89 -14.34 -10.23 -3.64
N CYS A 90 -13.33 -11.00 -4.05
CA CYS A 90 -13.39 -11.72 -5.32
C CYS A 90 -14.58 -12.68 -5.33
N MET A 91 -14.78 -13.38 -4.21
CA MET A 91 -15.93 -14.26 -4.10
C MET A 91 -17.21 -13.47 -4.32
N PHE A 92 -17.33 -12.31 -3.66
CA PHE A 92 -18.52 -11.48 -3.78
C PHE A 92 -18.71 -11.00 -5.21
N ALA A 93 -17.63 -10.51 -5.83
CA ALA A 93 -17.70 -10.05 -7.21
C ALA A 93 -18.08 -11.19 -8.15
N ALA A 94 -17.50 -12.39 -7.94
CA ALA A 94 -17.84 -13.55 -8.77
C ALA A 94 -19.26 -14.00 -8.51
N LEU A 95 -19.76 -13.85 -7.28
CA LEU A 95 -21.15 -14.20 -7.02
C LEU A 95 -22.11 -13.19 -7.66
N LYS A 96 -21.77 -11.89 -7.58
CA LYS A 96 -22.61 -10.82 -8.09
C LYS A 96 -22.34 -10.57 -9.58
N ALA A 97 -21.26 -9.83 -9.88
CA ALA A 97 -20.96 -9.53 -11.28
C ALA A 97 -20.84 -10.80 -12.11
N GLY A 98 -20.16 -11.83 -11.57
CA GLY A 98 -20.03 -13.10 -12.26
C GLY A 98 -21.26 -13.97 -12.25
N LYS A 99 -22.29 -13.58 -11.49
CA LYS A 99 -23.62 -14.20 -11.45
C LYS A 99 -23.66 -15.59 -10.83
N ILE A 100 -22.57 -16.06 -10.23
CA ILE A 100 -22.57 -17.42 -9.69
C ILE A 100 -23.60 -17.56 -8.57
N GLN A 101 -23.89 -16.47 -7.88
CA GLN A 101 -24.97 -16.38 -6.90
C GLN A 101 -26.22 -17.19 -7.26
N ASN A 102 -26.71 -17.01 -8.49
CA ASN A 102 -27.93 -17.66 -8.93
C ASN A 102 -27.81 -19.18 -9.02
N LYS A 103 -26.60 -19.72 -9.16
CA LYS A 103 -26.40 -21.17 -9.30
C LYS A 103 -26.29 -21.90 -7.97
N LEU A 104 -26.28 -21.18 -6.84
CA LEU A 104 -25.96 -21.77 -5.55
C LEU A 104 -27.10 -21.54 -4.57
N THR A 105 -27.16 -22.37 -3.54
CA THR A 105 -28.14 -22.19 -2.47
C THR A 105 -27.55 -21.20 -1.46
N ASP A 106 -28.42 -20.67 -0.59
CA ASP A 106 -27.99 -19.70 0.41
C ASP A 106 -26.95 -20.30 1.36
N LEU A 107 -27.08 -21.58 1.69
CA LEU A 107 -26.10 -22.18 2.59
C LEU A 107 -24.75 -22.28 1.90
N GLU A 108 -24.73 -22.51 0.58
CA GLU A 108 -23.47 -22.56 -0.15
C GLU A 108 -22.84 -21.19 -0.19
N ILE A 109 -23.63 -20.16 -0.46
CA ILE A 109 -23.10 -18.81 -0.48
C ILE A 109 -22.57 -18.42 0.90
N LEU A 110 -23.29 -18.81 1.96
CA LEU A 110 -22.87 -18.49 3.33
C LEU A 110 -21.54 -19.16 3.67
N ALA A 111 -21.45 -20.47 3.41
CA ALA A 111 -20.20 -21.20 3.62
C ALA A 111 -19.06 -20.62 2.78
N LEU A 112 -19.34 -20.21 1.55
CA LEU A 112 -18.27 -19.71 0.69
C LEU A 112 -17.68 -18.41 1.23
N LEU A 113 -18.53 -17.50 1.69
CA LEU A 113 -18.05 -16.20 2.14
C LEU A 113 -17.27 -16.33 3.44
N ILE A 114 -17.76 -17.17 4.36
CA ILE A 114 -17.05 -17.45 5.60
C ILE A 114 -15.72 -18.16 5.31
N ALA A 115 -15.73 -19.14 4.41
CA ALA A 115 -14.48 -19.81 4.02
C ALA A 115 -13.47 -18.82 3.44
N ALA A 116 -13.92 -17.97 2.52
CA ALA A 116 -13.04 -16.98 1.94
C ALA A 116 -12.39 -16.13 3.03
N LEU A 117 -13.18 -15.71 4.02
CA LEU A 117 -12.67 -14.88 5.10
C LEU A 117 -11.76 -15.66 6.05
N SER A 118 -12.03 -16.95 6.25
CA SER A 118 -11.39 -17.69 7.35
C SER A 118 -10.30 -18.64 6.91
N HIS A 119 -10.10 -18.85 5.61
CA HIS A 119 -9.31 -19.99 5.13
C HIS A 119 -7.83 -19.93 5.53
N ASP A 120 -7.32 -18.78 5.96
CA ASP A 120 -5.92 -18.69 6.31
C ASP A 120 -5.72 -18.44 7.81
N LEU A 121 -6.78 -18.60 8.61
CA LEU A 121 -6.66 -18.35 10.04
C LEU A 121 -5.68 -19.29 10.73
N ASP A 122 -5.48 -20.51 10.21
CA ASP A 122 -4.58 -21.49 10.83
C ASP A 122 -3.22 -21.54 10.15
N HIS A 123 -2.85 -20.51 9.37
CA HIS A 123 -1.60 -20.59 8.61
C HIS A 123 -0.39 -20.81 9.51
N ARG A 124 -0.35 -20.16 10.66
CA ARG A 124 0.72 -20.37 11.63
C ARG A 124 0.57 -21.68 12.40
N GLY A 125 -0.62 -22.27 12.44
CA GLY A 125 -0.83 -23.50 13.18
C GLY A 125 -0.37 -24.75 12.45
N VAL A 126 -0.62 -24.84 11.15
CA VAL A 126 -0.36 -26.07 10.39
C VAL A 126 0.86 -25.94 9.48
N ASN A 127 1.71 -24.94 9.70
CA ASN A 127 2.91 -24.74 8.88
C ASN A 127 4.09 -24.35 9.75
N ASN A 128 5.23 -25.02 9.54
CA ASN A 128 6.45 -24.58 10.20
C ASN A 128 7.37 -23.83 9.23
N SER A 129 7.32 -24.16 7.95
CA SER A 129 7.80 -23.26 6.91
C SER A 129 6.72 -22.22 6.60
N TYR A 130 7.01 -21.34 5.65
CA TYR A 130 6.03 -20.43 5.05
C TYR A 130 5.56 -19.31 5.99
N ILE A 131 5.88 -19.38 7.29
CA ILE A 131 5.38 -18.41 8.26
C ILE A 131 6.38 -17.31 8.61
N GLN A 132 7.63 -17.44 8.17
CA GLN A 132 8.63 -16.40 8.42
C GLN A 132 8.46 -15.22 7.46
N ARG A 133 8.04 -15.52 6.23
CA ARG A 133 7.86 -14.52 5.18
C ARG A 133 6.84 -15.06 4.20
N SER A 134 6.30 -14.16 3.38
CA SER A 134 5.42 -14.59 2.30
C SER A 134 6.23 -15.38 1.29
N GLU A 135 5.79 -16.58 0.98
CA GLU A 135 6.45 -17.40 -0.02
C GLU A 135 5.58 -17.50 -1.25
N HIS A 136 6.21 -17.54 -2.43
CA HIS A 136 5.51 -17.71 -3.67
C HIS A 136 4.60 -18.95 -3.60
N PRO A 137 3.39 -18.88 -4.17
CA PRO A 137 2.50 -20.06 -4.16
C PRO A 137 3.17 -21.35 -4.61
N LEU A 138 4.05 -21.30 -5.60
CA LEU A 138 4.67 -22.50 -6.13
C LEU A 138 5.95 -22.89 -5.38
N ALA A 139 6.37 -22.13 -4.38
CA ALA A 139 7.44 -22.58 -3.50
C ALA A 139 7.05 -23.88 -2.81
N GLN A 140 5.77 -24.03 -2.48
CA GLN A 140 5.19 -25.30 -2.06
C GLN A 140 5.76 -26.47 -2.83
N LEU A 141 5.75 -26.33 -4.15
CA LEU A 141 5.85 -27.46 -5.05
C LEU A 141 7.29 -27.80 -5.37
N TYR A 142 8.16 -26.79 -5.43
CA TYR A 142 9.52 -26.98 -5.90
C TYR A 142 10.59 -26.78 -4.83
N CYS A 143 10.28 -26.14 -3.70
CA CYS A 143 11.31 -25.73 -2.75
C CYS A 143 11.31 -26.54 -1.47
N HIS A 144 10.16 -26.69 -0.82
CA HIS A 144 10.12 -27.40 0.43
C HIS A 144 9.64 -28.81 0.17
N SER A 145 10.12 -29.73 1.01
CA SER A 145 9.62 -31.11 0.96
C SER A 145 8.13 -31.13 1.32
N ILE A 146 7.77 -30.44 2.41
CA ILE A 146 6.41 -30.44 2.93
C ILE A 146 5.67 -29.18 2.43
N MET A 147 4.41 -29.34 2.04
CA MET A 147 3.70 -28.28 1.34
C MET A 147 2.99 -27.32 2.31
N GLU A 148 2.28 -26.34 1.74
CA GLU A 148 1.67 -25.23 2.49
C GLU A 148 0.16 -25.48 2.69
N HIS A 149 -0.26 -25.47 3.95
CA HIS A 149 -1.56 -26.03 4.33
C HIS A 149 -2.50 -24.99 4.94
N HIS A 150 -3.78 -25.37 5.00
CA HIS A 150 -4.86 -24.58 5.57
C HIS A 150 -5.68 -25.49 6.49
N HIS A 151 -6.34 -24.89 7.48
CA HIS A 151 -7.25 -25.65 8.33
C HIS A 151 -8.40 -24.75 8.81
N PHE A 152 -9.42 -25.40 9.38
CA PHE A 152 -10.69 -24.77 9.72
C PHE A 152 -10.99 -24.71 11.22
N ASP A 153 -10.12 -25.24 12.09
CA ASP A 153 -10.38 -25.26 13.53
C ASP A 153 -10.58 -23.85 14.06
N GLN A 154 -9.61 -22.96 13.79
CA GLN A 154 -9.76 -21.55 14.21
C GLN A 154 -11.04 -20.94 13.64
N CYS A 155 -11.32 -21.19 12.36
CA CYS A 155 -12.56 -20.73 11.76
C CYS A 155 -13.77 -21.13 12.62
N LEU A 156 -13.92 -22.42 12.90
CA LEU A 156 -15.09 -22.87 13.66
C LEU A 156 -15.07 -22.36 15.11
N MET A 157 -13.88 -22.17 15.68
CA MET A 157 -13.80 -21.71 17.05
C MET A 157 -14.30 -20.27 17.16
N ILE A 158 -13.92 -19.43 16.21
CA ILE A 158 -14.39 -18.05 16.20
C ILE A 158 -15.90 -17.99 15.93
N LEU A 159 -16.40 -18.88 15.05
CA LEU A 159 -17.83 -18.90 14.74
C LEU A 159 -18.68 -19.27 15.96
N ASN A 160 -18.10 -20.00 16.92
CA ASN A 160 -18.83 -20.47 18.08
C ASN A 160 -18.46 -19.72 19.36
N SER A 161 -17.67 -18.66 19.24
CA SER A 161 -17.32 -17.83 20.39
C SER A 161 -18.51 -16.96 20.78
N PRO A 162 -18.77 -16.82 22.08
CA PRO A 162 -19.87 -15.95 22.53
C PRO A 162 -19.76 -14.57 21.90
N GLY A 163 -20.90 -14.06 21.43
CA GLY A 163 -20.94 -12.77 20.77
C GLY A 163 -20.62 -12.79 19.30
N ASN A 164 -20.12 -13.91 18.79
CA ASN A 164 -19.61 -14.01 17.42
C ASN A 164 -20.42 -14.99 16.57
N GLN A 165 -21.56 -15.46 17.08
CA GLN A 165 -22.23 -16.62 16.48
C GLN A 165 -23.17 -16.16 15.38
N ILE A 166 -22.58 -15.84 14.22
CA ILE A 166 -23.37 -15.42 13.08
C ILE A 166 -24.26 -16.55 12.54
N LEU A 167 -24.05 -17.79 12.99
CA LEU A 167 -24.83 -18.92 12.50
C LEU A 167 -25.90 -19.38 13.48
N SER A 168 -26.16 -18.62 14.55
CA SER A 168 -27.10 -19.11 15.56
C SER A 168 -28.52 -19.23 15.00
N GLY A 169 -28.84 -18.43 13.97
CA GLY A 169 -30.16 -18.41 13.35
C GLY A 169 -30.40 -19.52 12.34
N LEU A 170 -29.44 -20.41 12.17
CA LEU A 170 -29.61 -21.55 11.30
C LEU A 170 -30.25 -22.66 12.10
N SER A 171 -31.03 -23.50 11.42
CA SER A 171 -31.48 -24.72 12.06
C SER A 171 -30.29 -25.66 12.21
N ILE A 172 -30.52 -26.77 12.90
CA ILE A 172 -29.45 -27.74 13.17
C ILE A 172 -29.00 -28.40 11.87
N GLU A 173 -29.96 -28.81 11.03
CA GLU A 173 -29.63 -29.39 9.73
C GLU A 173 -28.92 -28.36 8.82
N GLU A 174 -29.34 -27.10 8.86
CA GLU A 174 -28.67 -26.08 8.05
C GLU A 174 -27.26 -25.82 8.56
N TYR A 175 -27.13 -25.73 9.88
CA TYR A 175 -25.82 -25.55 10.48
C TYR A 175 -24.87 -26.67 10.06
N LYS A 176 -25.31 -27.93 10.15
CA LYS A 176 -24.42 -29.05 9.83
C LYS A 176 -23.97 -29.00 8.39
N THR A 177 -24.90 -28.74 7.47
CA THR A 177 -24.59 -28.66 6.05
C THR A 177 -23.59 -27.54 5.79
N THR A 178 -23.83 -26.38 6.40
CA THR A 178 -22.96 -25.22 6.19
C THR A 178 -21.54 -25.50 6.69
N LEU A 179 -21.40 -26.07 7.89
CA LEU A 179 -20.05 -26.34 8.40
C LEU A 179 -19.30 -27.29 7.47
N LYS A 180 -20.01 -28.29 6.92
CA LYS A 180 -19.36 -29.23 6.02
C LYS A 180 -18.79 -28.51 4.80
N ILE A 181 -19.58 -27.64 4.18
CA ILE A 181 -19.13 -26.90 3.00
C ILE A 181 -17.99 -25.96 3.36
N ILE A 182 -18.07 -25.30 4.54
CA ILE A 182 -16.98 -24.45 5.03
C ILE A 182 -15.67 -25.23 5.13
N LYS A 183 -15.73 -26.43 5.74
CA LYS A 183 -14.53 -27.26 5.90
C LYS A 183 -13.91 -27.60 4.55
N GLN A 184 -14.72 -28.06 3.58
CA GLN A 184 -14.18 -28.39 2.26
C GLN A 184 -13.62 -27.17 1.53
N ALA A 185 -14.33 -26.04 1.59
CA ALA A 185 -13.87 -24.85 0.88
C ALA A 185 -12.57 -24.33 1.46
N ILE A 186 -12.35 -24.52 2.76
CA ILE A 186 -11.10 -24.12 3.38
C ILE A 186 -9.98 -25.08 2.95
N LEU A 187 -10.24 -26.39 3.00
CA LEU A 187 -9.24 -27.36 2.56
C LEU A 187 -8.91 -27.18 1.08
N ALA A 188 -9.88 -26.73 0.28
CA ALA A 188 -9.66 -26.57 -1.16
C ALA A 188 -8.63 -25.49 -1.47
N THR A 189 -8.33 -24.60 -0.52
CA THR A 189 -7.32 -23.59 -0.80
C THR A 189 -5.90 -24.14 -0.65
N ASP A 190 -5.74 -25.41 -0.29
CA ASP A 190 -4.45 -26.08 -0.43
C ASP A 190 -4.14 -26.30 -1.91
N LEU A 191 -3.07 -25.68 -2.40
CA LEU A 191 -2.73 -25.83 -3.82
C LEU A 191 -2.54 -27.31 -4.20
N ALA A 192 -2.07 -28.14 -3.27
CA ALA A 192 -1.92 -29.56 -3.57
C ALA A 192 -3.27 -30.18 -3.95
N LEU A 193 -4.31 -29.83 -3.23
CA LEU A 193 -5.61 -30.40 -3.52
C LEU A 193 -6.16 -29.85 -4.84
N TYR A 194 -5.88 -28.59 -5.16
CA TYR A 194 -6.25 -28.07 -6.48
C TYR A 194 -5.56 -28.85 -7.59
N ILE A 195 -4.24 -28.96 -7.53
CA ILE A 195 -3.52 -29.70 -8.57
C ILE A 195 -4.05 -31.13 -8.67
N LYS A 196 -4.38 -31.75 -7.54
CA LYS A 196 -4.78 -33.15 -7.55
C LYS A 196 -6.10 -33.36 -8.27
N ARG A 197 -7.00 -32.38 -8.23
CA ARG A 197 -8.34 -32.61 -8.75
C ARG A 197 -8.73 -31.76 -9.95
N ARG A 198 -7.83 -30.91 -10.45
CA ARG A 198 -8.24 -29.95 -11.48
C ARG A 198 -8.43 -30.62 -12.84
N GLY A 199 -7.60 -31.63 -13.17
CA GLY A 199 -7.66 -32.24 -14.49
C GLY A 199 -9.04 -32.80 -14.81
N GLU A 200 -9.69 -33.40 -13.81
CA GLU A 200 -11.04 -33.88 -13.99
C GLU A 200 -12.00 -32.74 -14.32
N PHE A 201 -11.92 -31.65 -13.55
CA PHE A 201 -12.74 -30.47 -13.80
C PHE A 201 -12.55 -29.99 -15.23
N PHE A 202 -11.29 -29.91 -15.69
CA PHE A 202 -11.01 -29.46 -17.05
C PHE A 202 -11.57 -30.43 -18.09
N GLU A 203 -11.39 -31.74 -17.89
CA GLU A 203 -11.96 -32.70 -18.82
C GLU A 203 -13.47 -32.51 -18.97
N LEU A 204 -14.19 -32.48 -17.85
CA LEU A 204 -15.63 -32.29 -17.90
C LEU A 204 -16.00 -31.06 -18.72
N ILE A 205 -15.25 -29.97 -18.56
CA ILE A 205 -15.55 -28.76 -19.31
C ILE A 205 -15.19 -28.92 -20.79
N ARG A 206 -14.03 -29.51 -21.07
CA ARG A 206 -13.65 -29.81 -22.44
C ARG A 206 -14.71 -30.64 -23.14
N LYS A 207 -15.13 -31.75 -22.52
CA LYS A 207 -16.15 -32.63 -23.07
C LYS A 207 -17.56 -32.05 -22.99
N ASN A 208 -17.72 -30.85 -22.43
CA ASN A 208 -19.03 -30.22 -22.28
C ASN A 208 -20.00 -31.11 -21.51
N GLN A 209 -19.48 -31.85 -20.54
CA GLN A 209 -20.26 -32.68 -19.64
C GLN A 209 -20.43 -32.06 -18.26
N PHE A 210 -20.04 -30.80 -18.08
CA PHE A 210 -20.05 -30.24 -16.73
C PHE A 210 -21.48 -30.05 -16.25
N ASN A 211 -21.80 -30.70 -15.13
CA ASN A 211 -23.14 -30.70 -14.58
C ASN A 211 -23.06 -30.30 -13.11
N LEU A 212 -23.37 -29.03 -12.84
CA LEU A 212 -23.26 -28.49 -11.50
C LEU A 212 -24.19 -29.18 -10.51
N GLU A 213 -25.20 -29.91 -10.98
CA GLU A 213 -26.17 -30.54 -10.09
C GLU A 213 -25.71 -31.91 -9.59
N ASP A 214 -24.49 -32.31 -9.90
CA ASP A 214 -23.92 -33.56 -9.40
C ASP A 214 -23.15 -33.28 -8.11
N PRO A 215 -23.39 -34.03 -7.03
CA PRO A 215 -22.74 -33.68 -5.76
C PRO A 215 -21.22 -33.69 -5.82
N HIS A 216 -20.62 -34.55 -6.63
CA HIS A 216 -19.16 -34.54 -6.74
C HIS A 216 -18.68 -33.36 -7.56
N GLN A 217 -19.44 -32.96 -8.57
CA GLN A 217 -19.02 -31.84 -9.40
C GLN A 217 -19.29 -30.50 -8.73
N LYS A 218 -20.28 -30.45 -7.84
CA LYS A 218 -20.56 -29.23 -7.08
C LYS A 218 -19.45 -29.00 -6.05
N GLU A 219 -19.06 -30.06 -5.33
CA GLU A 219 -17.90 -29.96 -4.45
C GLU A 219 -16.66 -29.54 -5.21
N LEU A 220 -16.47 -30.11 -6.41
CA LEU A 220 -15.29 -29.78 -7.19
C LEU A 220 -15.36 -28.36 -7.73
N PHE A 221 -16.55 -27.91 -8.15
CA PHE A 221 -16.69 -26.54 -8.62
C PHE A 221 -16.49 -25.52 -7.50
N LEU A 222 -17.03 -25.79 -6.30
CA LEU A 222 -16.84 -24.86 -5.20
C LEU A 222 -15.37 -24.77 -4.81
N ALA A 223 -14.65 -25.87 -4.97
CA ALA A 223 -13.22 -25.88 -4.68
C ALA A 223 -12.45 -25.04 -5.70
N MET A 224 -12.77 -25.18 -6.99
CA MET A 224 -12.08 -24.41 -8.00
C MET A 224 -12.35 -22.93 -7.79
N LEU A 225 -13.56 -22.60 -7.33
CA LEU A 225 -13.94 -21.22 -7.06
C LEU A 225 -13.12 -20.64 -5.92
N MET A 226 -12.91 -21.43 -4.87
CA MET A 226 -12.05 -21.00 -3.76
C MET A 226 -10.64 -20.71 -4.23
N THR A 227 -10.10 -21.59 -5.10
CA THR A 227 -8.76 -21.40 -5.63
C THR A 227 -8.71 -20.17 -6.53
N ALA A 228 -9.70 -20.02 -7.42
CA ALA A 228 -9.80 -18.80 -8.22
C ALA A 228 -9.76 -17.55 -7.33
N CYS A 229 -10.45 -17.57 -6.20
CA CYS A 229 -10.48 -16.38 -5.36
C CYS A 229 -9.18 -16.22 -4.59
N ASP A 230 -8.58 -17.32 -4.14
CA ASP A 230 -7.36 -17.28 -3.35
C ASP A 230 -6.18 -16.77 -4.18
N LEU A 231 -6.19 -17.06 -5.48
CA LEU A 231 -5.08 -16.71 -6.35
C LEU A 231 -5.33 -15.45 -7.12
N SER A 232 -6.43 -14.74 -6.81
CA SER A 232 -6.95 -13.68 -7.65
C SER A 232 -6.06 -12.46 -7.71
N ALA A 233 -5.02 -12.34 -6.89
CA ALA A 233 -4.11 -11.22 -7.09
C ALA A 233 -3.46 -11.28 -8.46
N ILE A 234 -3.35 -12.49 -9.04
CA ILE A 234 -2.78 -12.67 -10.37
C ILE A 234 -3.64 -12.07 -11.46
N THR A 235 -4.89 -11.69 -11.16
CA THR A 235 -5.82 -11.13 -12.13
C THR A 235 -5.92 -9.61 -12.03
N LYS A 236 -5.39 -9.01 -10.97
CA LYS A 236 -5.66 -7.60 -10.65
C LYS A 236 -5.04 -6.65 -11.68
N PRO A 237 -5.55 -5.41 -11.75
CA PRO A 237 -4.89 -4.39 -12.56
C PRO A 237 -3.40 -4.33 -12.25
N TRP A 238 -2.59 -4.10 -13.30
CA TRP A 238 -1.13 -4.26 -13.21
C TRP A 238 -0.46 -3.67 -11.97
N PRO A 239 -0.76 -2.44 -11.52
CA PRO A 239 -0.01 -1.91 -10.37
C PRO A 239 -0.28 -2.70 -9.10
N ILE A 240 -1.51 -3.19 -8.94
CA ILE A 240 -1.82 -4.00 -7.77
C ILE A 240 -1.00 -5.29 -7.80
N GLN A 241 -1.01 -5.99 -8.95
CA GLN A 241 -0.37 -7.29 -9.05
C GLN A 241 1.15 -7.16 -8.94
N GLN A 242 1.73 -6.12 -9.54
CA GLN A 242 3.17 -5.95 -9.42
C GLN A 242 3.57 -5.80 -7.96
N ARG A 243 2.88 -4.94 -7.21
CA ARG A 243 3.33 -4.71 -5.84
C ARG A 243 3.04 -5.93 -4.95
N ILE A 244 2.01 -6.72 -5.25
CA ILE A 244 1.77 -7.94 -4.48
C ILE A 244 2.82 -9.00 -4.82
N ALA A 245 3.06 -9.24 -6.11
CA ALA A 245 4.10 -10.19 -6.50
C ALA A 245 5.44 -9.84 -5.86
N GLU A 246 5.78 -8.55 -5.80
CA GLU A 246 7.10 -8.20 -5.29
C GLU A 246 7.21 -8.35 -3.78
N LEU A 247 6.12 -8.64 -3.07
CA LEU A 247 6.21 -8.88 -1.64
C LEU A 247 7.10 -10.07 -1.29
N VAL A 248 7.33 -10.99 -2.23
CA VAL A 248 8.30 -12.04 -1.91
C VAL A 248 9.68 -11.45 -1.68
N ALA A 249 9.91 -10.22 -2.16
CA ALA A 249 11.15 -9.48 -1.98
C ALA A 249 11.03 -8.29 -1.04
N THR A 250 9.89 -7.59 -1.02
CA THR A 250 9.78 -6.32 -0.30
C THR A 250 9.21 -6.44 1.10
N GLU A 251 8.51 -7.51 1.43
CA GLU A 251 7.89 -7.61 2.75
C GLU A 251 8.95 -7.51 3.83
N PHE A 252 8.85 -6.46 4.65
CA PHE A 252 9.60 -6.39 5.88
C PHE A 252 8.84 -7.17 6.93
N PHE A 253 9.47 -8.18 7.54
CA PHE A 253 8.76 -8.99 8.52
C PHE A 253 9.58 -9.13 9.80
N ASP A 254 8.95 -8.77 10.91
CA ASP A 254 9.50 -8.95 12.24
C ASP A 254 9.34 -10.41 12.70
N LYS A 276 14.22 -8.66 -6.98
CA LYS A 276 13.03 -8.56 -7.84
C LYS A 276 13.36 -9.00 -9.27
N ASN A 277 14.59 -9.51 -9.41
CA ASN A 277 15.19 -9.75 -10.72
C ASN A 277 14.49 -10.89 -11.45
N LYS A 278 14.20 -12.00 -10.76
CA LYS A 278 13.57 -13.14 -11.39
C LYS A 278 12.05 -13.19 -11.21
N ILE A 279 11.46 -12.18 -10.58
CA ILE A 279 10.02 -12.19 -10.33
C ILE A 279 9.22 -12.24 -11.63
N PRO A 280 9.53 -11.45 -12.66
CA PRO A 280 8.81 -11.61 -13.93
C PRO A 280 8.73 -13.05 -14.43
N SER A 281 9.84 -13.79 -14.43
CA SER A 281 9.77 -15.16 -14.92
C SER A 281 9.06 -16.08 -13.93
N MET A 282 9.13 -15.77 -12.63
CA MET A 282 8.34 -16.51 -11.65
C MET A 282 6.85 -16.39 -11.94
N GLN A 283 6.42 -15.18 -12.31
CA GLN A 283 4.98 -14.96 -12.45
C GLN A 283 4.46 -15.53 -13.75
N VAL A 284 5.28 -15.45 -14.81
CA VAL A 284 4.91 -16.07 -16.07
C VAL A 284 4.81 -17.59 -15.88
N GLY A 285 5.81 -18.20 -15.25
CA GLY A 285 5.72 -19.63 -14.95
C GLY A 285 4.49 -19.95 -14.12
N PHE A 286 4.20 -19.09 -13.14
CA PHE A 286 3.03 -19.26 -12.29
C PHE A 286 1.74 -19.19 -13.10
N ILE A 287 1.64 -18.22 -14.01
CA ILE A 287 0.45 -18.10 -14.85
C ILE A 287 0.33 -19.31 -15.79
N ASP A 288 1.46 -19.79 -16.33
CA ASP A 288 1.38 -20.89 -17.30
C ASP A 288 1.09 -22.23 -16.61
N ALA A 289 1.59 -22.45 -15.40
CA ALA A 289 1.40 -23.73 -14.73
C ALA A 289 0.12 -23.82 -13.91
N ILE A 290 -0.40 -22.70 -13.41
CA ILE A 290 -1.55 -22.71 -12.51
C ILE A 290 -2.68 -21.83 -13.00
N CYS A 291 -2.41 -20.53 -13.16
CA CYS A 291 -3.48 -19.53 -13.12
C CYS A 291 -4.31 -19.49 -14.39
N LEU A 292 -3.66 -19.54 -15.56
CA LEU A 292 -4.40 -19.32 -16.81
C LEU A 292 -5.51 -20.35 -17.02
N GLN A 293 -5.20 -21.65 -16.84
CA GLN A 293 -6.24 -22.67 -17.03
C GLN A 293 -7.42 -22.45 -16.08
N LEU A 294 -7.11 -22.13 -14.82
CA LEU A 294 -8.14 -21.96 -13.82
C LEU A 294 -9.13 -20.91 -14.28
N TYR A 295 -8.65 -19.71 -14.59
CA TYR A 295 -9.59 -18.65 -14.98
C TYR A 295 -10.22 -18.91 -16.34
N GLU A 296 -9.54 -19.66 -17.23
CA GLU A 296 -10.18 -20.11 -18.45
C GLU A 296 -11.35 -21.04 -18.14
N ALA A 297 -11.10 -22.07 -17.33
CA ALA A 297 -12.16 -23.00 -16.94
C ALA A 297 -13.30 -22.26 -16.23
N LEU A 298 -12.96 -21.38 -15.29
CA LEU A 298 -13.99 -20.62 -14.59
C LEU A 298 -14.86 -19.82 -15.58
N THR A 299 -14.23 -19.27 -16.62
CA THR A 299 -14.99 -18.46 -17.57
C THR A 299 -15.90 -19.32 -18.45
N HIS A 300 -15.57 -20.59 -18.66
CA HIS A 300 -16.48 -21.43 -19.42
C HIS A 300 -17.71 -21.79 -18.60
N VAL A 301 -17.56 -21.97 -17.29
CA VAL A 301 -18.74 -22.20 -16.45
C VAL A 301 -19.57 -20.93 -16.32
N SER A 302 -18.92 -19.78 -16.17
CA SER A 302 -19.59 -18.52 -15.89
C SER A 302 -18.91 -17.45 -16.74
N GLU A 303 -19.54 -17.09 -17.86
CA GLU A 303 -18.91 -16.18 -18.81
C GLU A 303 -18.66 -14.80 -18.21
N ASP A 304 -19.41 -14.41 -17.19
CA ASP A 304 -19.24 -13.09 -16.62
C ASP A 304 -18.06 -13.01 -15.66
N CYS A 305 -17.32 -14.10 -15.47
CA CYS A 305 -16.05 -14.06 -14.78
C CYS A 305 -14.89 -13.83 -15.74
N PHE A 306 -15.19 -13.56 -17.02
CA PHE A 306 -14.15 -13.21 -17.98
C PHE A 306 -13.16 -12.14 -17.49
N PRO A 307 -13.56 -11.08 -16.76
CA PRO A 307 -12.56 -10.11 -16.30
C PRO A 307 -11.43 -10.71 -15.49
N LEU A 308 -11.67 -11.80 -14.72
CA LEU A 308 -10.56 -12.45 -14.03
C LEU A 308 -9.56 -13.01 -15.04
N LEU A 309 -10.07 -13.71 -16.06
CA LEU A 309 -9.20 -14.24 -17.12
C LEU A 309 -8.54 -13.12 -17.90
N ASP A 310 -9.30 -12.09 -18.24
CA ASP A 310 -8.71 -10.97 -18.97
C ASP A 310 -7.59 -10.32 -18.16
N GLY A 311 -7.81 -10.14 -16.85
CA GLY A 311 -6.75 -9.56 -16.03
C GLY A 311 -5.53 -10.46 -15.94
N CYS A 312 -5.75 -11.76 -15.77
CA CYS A 312 -4.62 -12.68 -15.73
C CYS A 312 -3.84 -12.66 -17.05
N ARG A 313 -4.54 -12.51 -18.19
CA ARG A 313 -3.86 -12.44 -19.47
C ARG A 313 -3.02 -11.16 -19.59
N LYS A 314 -3.58 -10.02 -19.21
CA LYS A 314 -2.86 -8.77 -19.36
C LYS A 314 -1.63 -8.73 -18.48
N ASN A 315 -1.70 -9.36 -17.30
CA ASN A 315 -0.55 -9.40 -16.42
C ASN A 315 0.55 -10.30 -16.95
N ARG A 316 0.19 -11.41 -17.60
CA ARG A 316 1.22 -12.26 -18.18
C ARG A 316 1.99 -11.47 -19.22
N GLN A 317 1.25 -10.65 -19.97
CA GLN A 317 1.85 -9.86 -21.03
C GLN A 317 2.76 -8.78 -20.47
N LYS A 318 2.34 -8.15 -19.39
CA LYS A 318 3.22 -7.17 -18.75
C LYS A 318 4.43 -7.84 -18.10
N TRP A 319 4.24 -9.00 -17.47
CA TRP A 319 5.39 -9.70 -16.88
C TRP A 319 6.33 -10.21 -17.98
N GLN A 320 5.78 -10.69 -19.09
CA GLN A 320 6.63 -11.16 -20.19
C GLN A 320 7.47 -10.01 -20.77
N ALA A 321 6.84 -8.85 -21.01
CA ALA A 321 7.58 -7.68 -21.47
C ALA A 321 8.69 -7.32 -20.49
N LEU A 322 8.42 -7.43 -19.18
CA LEU A 322 9.47 -7.13 -18.20
C LEU A 322 10.57 -8.18 -18.26
N ALA A 323 10.21 -9.45 -18.47
CA ALA A 323 11.21 -10.50 -18.49
C ALA A 323 12.17 -10.34 -19.66
N GLU A 324 11.67 -9.86 -20.79
CA GLU A 324 12.52 -9.45 -21.89
C GLU A 324 13.43 -8.20 -21.52
N GLN A 325 13.49 -7.89 -20.22
CA GLN A 325 14.16 -6.74 -19.62
C GLN A 325 13.85 -5.44 -20.34
N GLU B 1 17.59 -11.72 11.67
CA GLU B 1 17.81 -11.10 10.38
C GLU B 1 17.67 -9.59 10.46
N GLU B 2 16.54 -9.10 9.96
CA GLU B 2 16.13 -7.70 10.08
C GLU B 2 15.48 -7.42 11.42
N THR B 3 15.07 -8.47 12.13
CA THR B 3 14.62 -8.31 13.52
C THR B 3 15.66 -7.60 14.36
N ARG B 4 16.93 -7.96 14.15
CA ARG B 4 18.01 -7.35 14.92
C ARG B 4 18.08 -5.84 14.65
N GLU B 5 17.76 -5.41 13.42
CA GLU B 5 17.72 -3.97 13.15
C GLU B 5 16.52 -3.33 13.84
N LEU B 6 15.36 -4.01 13.81
CA LEU B 6 14.16 -3.48 14.46
C LEU B 6 14.31 -3.41 15.98
N GLN B 7 14.81 -4.49 16.59
CA GLN B 7 15.05 -4.49 18.03
C GLN B 7 16.08 -3.44 18.39
N SER B 8 17.18 -3.39 17.65
CA SER B 8 18.20 -2.37 17.83
C SER B 8 17.59 -0.97 17.78
N LEU B 9 16.85 -0.67 16.70
CA LEU B 9 16.23 0.64 16.56
C LEU B 9 15.27 0.94 17.71
N ALA B 10 14.46 -0.04 18.09
CA ALA B 10 13.44 0.23 19.09
C ALA B 10 14.06 0.38 20.48
N ALA B 11 15.19 -0.28 20.72
CA ALA B 11 15.89 -0.17 22.00
C ALA B 11 16.69 1.12 22.09
N ALA B 12 17.24 1.56 20.97
CA ALA B 12 18.15 2.71 20.96
C ALA B 12 17.51 3.95 21.59
N VAL B 13 18.36 4.74 22.25
CA VAL B 13 17.94 6.05 22.73
C VAL B 13 17.79 7.00 21.54
N VAL B 14 16.75 7.83 21.59
CA VAL B 14 16.44 8.78 20.52
C VAL B 14 16.97 10.15 20.94
N PRO B 15 18.07 10.63 20.37
CA PRO B 15 18.64 11.91 20.83
C PRO B 15 17.74 13.08 20.45
N SER B 16 18.06 14.24 21.04
CA SER B 16 17.25 15.42 20.84
C SER B 16 17.41 15.93 19.39
N ALA B 17 16.42 16.73 18.97
CA ALA B 17 16.53 17.42 17.70
C ALA B 17 17.80 18.27 17.65
N GLN B 18 18.16 18.86 18.79
CA GLN B 18 19.35 19.72 18.86
C GLN B 18 20.62 18.90 18.64
N THR B 19 20.75 17.76 19.34
CA THR B 19 21.91 16.88 19.13
C THR B 19 21.99 16.41 17.68
N LEU B 20 20.83 16.12 17.07
CA LEU B 20 20.80 15.51 15.74
C LEU B 20 20.96 16.54 14.64
N LYS B 21 20.75 17.82 14.94
CA LYS B 21 20.92 18.94 14.02
C LYS B 21 19.83 18.98 12.95
N ILE B 22 18.67 18.36 13.23
CA ILE B 22 17.61 18.28 12.21
C ILE B 22 16.77 19.54 12.13
N THR B 23 17.01 20.53 12.98
CA THR B 23 16.37 21.82 12.77
C THR B 23 17.17 22.70 11.83
N ASP B 24 18.37 22.28 11.42
CA ASP B 24 19.24 23.10 10.58
C ASP B 24 18.96 22.87 9.10
N PHE B 25 18.68 23.94 8.36
CA PHE B 25 18.59 23.83 6.91
C PHE B 25 19.90 23.31 6.32
N SER B 26 21.00 23.55 7.01
CA SER B 26 22.31 23.08 6.57
C SER B 26 22.56 21.60 6.88
N PHE B 27 21.57 20.90 7.44
CA PHE B 27 21.74 19.51 7.89
C PHE B 27 22.37 18.63 6.82
N SER B 28 23.28 17.76 7.26
CA SER B 28 24.00 16.86 6.38
C SER B 28 23.88 15.43 6.91
N ASP B 29 23.48 14.50 6.06
CA ASP B 29 23.24 13.13 6.48
C ASP B 29 24.36 12.19 6.08
N PHE B 30 25.42 12.72 5.47
CA PHE B 30 26.53 11.86 5.05
C PHE B 30 27.24 11.23 6.25
N GLU B 31 27.34 11.96 7.37
CA GLU B 31 27.86 11.38 8.62
C GLU B 31 27.09 10.13 9.03
N LEU B 32 25.78 10.12 8.79
CA LEU B 32 24.84 9.30 9.53
C LEU B 32 24.64 7.91 8.91
N SER B 33 24.61 6.90 9.77
CA SER B 33 24.21 5.57 9.33
C SER B 33 22.70 5.53 9.07
N ASP B 34 22.29 4.52 8.30
CA ASP B 34 20.87 4.28 8.08
C ASP B 34 20.11 4.33 9.40
N LEU B 35 20.65 3.64 10.40
CA LEU B 35 19.98 3.55 11.69
C LEU B 35 19.80 4.93 12.29
N GLU B 36 20.84 5.76 12.22
CA GLU B 36 20.74 7.11 12.74
C GLU B 36 19.71 7.95 11.98
N THR B 37 19.56 7.73 10.67
CA THR B 37 18.51 8.45 9.95
C THR B 37 17.14 8.00 10.46
N ALA B 38 16.99 6.71 10.80
CA ALA B 38 15.77 6.24 11.45
C ALA B 38 15.51 6.98 12.77
N LEU B 39 16.54 7.16 13.60
CA LEU B 39 16.37 7.85 14.87
C LEU B 39 16.02 9.31 14.65
N CYS B 40 16.66 9.95 13.67
CA CYS B 40 16.24 11.27 13.26
C CYS B 40 14.76 11.29 12.93
N THR B 41 14.29 10.26 12.22
CA THR B 41 12.90 10.25 11.78
C THR B 41 11.95 10.10 12.96
N ILE B 42 12.25 9.13 13.86
CA ILE B 42 11.51 9.04 15.12
C ILE B 42 11.47 10.40 15.78
N ARG B 43 12.62 11.09 15.82
CA ARG B 43 12.68 12.39 16.49
C ARG B 43 11.78 13.42 15.80
N MET B 44 11.66 13.36 14.47
CA MET B 44 10.79 14.33 13.79
C MET B 44 9.34 14.08 14.15
N PHE B 45 8.94 12.81 14.20
CA PHE B 45 7.56 12.48 14.59
C PHE B 45 7.29 12.91 16.02
N THR B 46 8.25 12.69 16.90
CA THR B 46 8.10 13.03 18.31
C THR B 46 7.99 14.54 18.50
N ASP B 47 8.95 15.30 17.96
CA ASP B 47 8.98 16.73 18.20
C ASP B 47 7.95 17.51 17.41
N LEU B 48 7.33 16.90 16.40
CA LEU B 48 6.12 17.46 15.83
C LEU B 48 4.89 17.04 16.61
N ASN B 49 5.09 16.39 17.75
CA ASN B 49 4.03 16.03 18.68
C ASN B 49 3.06 15.00 18.10
N LEU B 50 3.49 14.24 17.08
CA LEU B 50 2.62 13.30 16.40
C LEU B 50 2.53 11.96 17.12
N VAL B 51 3.63 11.50 17.71
CA VAL B 51 3.59 10.30 18.54
C VAL B 51 2.59 10.48 19.65
N GLN B 52 2.60 11.66 20.30
CA GLN B 52 1.73 11.91 21.44
C GLN B 52 0.28 12.09 21.02
N ASN B 53 0.02 13.02 20.09
CA ASN B 53 -1.36 13.36 19.78
C ASN B 53 -2.09 12.23 19.05
N PHE B 54 -1.37 11.28 18.46
CA PHE B 54 -2.02 10.18 17.77
C PHE B 54 -1.72 8.83 18.40
N GLN B 55 -1.07 8.82 19.55
CA GLN B 55 -0.91 7.63 20.37
C GLN B 55 -0.24 6.49 19.61
N MET B 56 0.96 6.78 19.10
CA MET B 56 1.71 5.85 18.28
C MET B 56 2.51 4.91 19.17
N LYS B 57 2.34 3.60 18.97
CA LYS B 57 3.22 2.64 19.60
C LYS B 57 4.62 2.81 19.06
N HIS B 58 5.59 2.98 19.96
CA HIS B 58 6.98 3.15 19.58
C HIS B 58 7.44 2.06 18.62
N GLU B 59 7.09 0.81 18.90
CA GLU B 59 7.56 -0.27 18.06
C GLU B 59 6.88 -0.27 16.70
N VAL B 60 5.63 0.18 16.63
CA VAL B 60 4.92 0.27 15.35
C VAL B 60 5.55 1.33 14.47
N LEU B 61 5.88 2.48 15.06
CA LEU B 61 6.52 3.55 14.28
C LEU B 61 7.89 3.10 13.80
N CYS B 62 8.66 2.40 14.65
CA CYS B 62 9.95 1.86 14.20
C CYS B 62 9.76 0.88 13.06
N ARG B 63 8.81 -0.05 13.20
CA ARG B 63 8.58 -1.00 12.12
C ARG B 63 8.17 -0.29 10.83
N TRP B 64 7.32 0.75 10.94
CA TRP B 64 6.87 1.49 9.76
C TRP B 64 8.05 2.15 9.06
N ILE B 65 8.89 2.85 9.84
CA ILE B 65 10.06 3.53 9.30
C ILE B 65 10.98 2.54 8.60
N LEU B 66 11.21 1.38 9.21
CA LEU B 66 12.09 0.39 8.59
C LEU B 66 11.46 -0.23 7.34
N SER B 67 10.13 -0.40 7.33
CA SER B 67 9.46 -0.87 6.13
C SER B 67 9.64 0.11 4.98
N VAL B 68 9.43 1.40 5.26
CA VAL B 68 9.59 2.40 4.21
C VAL B 68 11.00 2.37 3.66
N LYS B 69 12.00 2.31 4.55
CA LYS B 69 13.40 2.31 4.13
C LYS B 69 13.72 1.06 3.32
N LYS B 70 13.15 -0.08 3.73
CA LYS B 70 13.36 -1.30 2.96
C LYS B 70 12.80 -1.19 1.54
N ASN B 71 11.63 -0.55 1.39
CA ASN B 71 11.00 -0.44 0.07
C ASN B 71 11.67 0.61 -0.81
N TYR B 72 12.66 1.33 -0.29
CA TYR B 72 13.47 2.22 -1.09
C TYR B 72 14.74 1.54 -1.65
N ARG B 73 15.05 0.31 -1.20
CA ARG B 73 16.37 -0.28 -1.42
C ARG B 73 16.77 -0.36 -2.89
N LYS B 74 15.80 -0.49 -3.79
CA LYS B 74 16.10 -0.68 -5.19
C LYS B 74 16.03 0.61 -5.99
N ASN B 75 15.81 1.76 -5.33
CA ASN B 75 15.59 3.00 -6.05
C ASN B 75 16.90 3.71 -6.35
N VAL B 76 16.95 4.40 -7.49
CA VAL B 76 18.13 5.19 -7.81
C VAL B 76 18.32 6.31 -6.78
N ALA B 77 19.53 6.88 -6.78
CA ALA B 77 19.92 7.80 -5.70
C ALA B 77 18.98 8.98 -5.56
N TYR B 78 18.56 9.58 -6.68
CA TYR B 78 17.68 10.75 -6.59
C TYR B 78 16.31 10.42 -5.98
N HIS B 79 15.97 9.14 -5.82
CA HIS B 79 14.66 8.75 -5.34
C HIS B 79 14.75 7.70 -4.24
N ASN B 80 15.88 7.64 -3.53
CA ASN B 80 16.09 6.56 -2.58
C ASN B 80 15.68 7.02 -1.18
N TRP B 81 15.99 6.18 -0.17
CA TRP B 81 15.57 6.48 1.20
C TRP B 81 16.22 7.77 1.71
N ARG B 82 17.48 8.00 1.38
CA ARG B 82 18.12 9.24 1.82
C ARG B 82 17.46 10.47 1.20
N HIS B 83 16.95 10.35 -0.04
CA HIS B 83 16.23 11.48 -0.63
C HIS B 83 14.93 11.74 0.12
N ALA B 84 14.17 10.67 0.42
CA ALA B 84 12.95 10.83 1.19
C ALA B 84 13.26 11.34 2.60
N PHE B 85 14.27 10.75 3.25
CA PHE B 85 14.67 11.20 4.57
C PHE B 85 14.98 12.70 4.58
N ASN B 86 15.75 13.17 3.59
CA ASN B 86 16.10 14.59 3.54
C ASN B 86 14.89 15.46 3.17
N THR B 87 13.93 14.93 2.40
CA THR B 87 12.70 15.67 2.12
C THR B 87 11.92 15.90 3.40
N ALA B 88 11.84 14.86 4.22
CA ALA B 88 11.19 14.95 5.52
C ALA B 88 11.95 15.87 6.44
N GLN B 89 13.28 15.74 6.44
CA GLN B 89 14.09 16.61 7.30
C GLN B 89 13.88 18.08 6.94
N CYS B 90 13.90 18.38 5.63
CA CYS B 90 13.63 19.76 5.21
C CYS B 90 12.22 20.19 5.60
N MET B 91 11.25 19.28 5.54
CA MET B 91 9.90 19.61 5.99
C MET B 91 9.86 19.95 7.49
N PHE B 92 10.48 19.10 8.31
CA PHE B 92 10.63 19.35 9.73
C PHE B 92 11.21 20.74 10.01
N ALA B 93 12.40 21.02 9.42
CA ALA B 93 13.06 22.29 9.65
C ALA B 93 12.21 23.45 9.19
N ALA B 94 11.52 23.31 8.05
CA ALA B 94 10.67 24.39 7.59
C ALA B 94 9.52 24.61 8.56
N LEU B 95 8.95 23.54 9.09
CA LEU B 95 7.84 23.71 10.03
C LEU B 95 8.32 24.32 11.34
N LYS B 96 9.50 23.92 11.81
CA LYS B 96 10.03 24.38 13.10
C LYS B 96 10.62 25.77 13.04
N ALA B 97 10.96 26.27 11.86
CA ALA B 97 11.77 27.47 11.81
C ALA B 97 10.96 28.72 12.14
N GLY B 98 9.66 28.69 11.83
CA GLY B 98 8.82 29.87 11.98
C GLY B 98 7.47 29.56 12.59
N LYS B 99 6.40 30.11 12.02
CA LYS B 99 5.08 29.98 12.61
C LYS B 99 4.08 29.30 11.67
N ILE B 100 4.56 28.52 10.70
CA ILE B 100 3.67 27.86 9.75
C ILE B 100 2.71 26.92 10.47
N GLN B 101 3.22 26.20 11.48
CA GLN B 101 2.45 25.19 12.20
C GLN B 101 1.16 25.72 12.79
N ASN B 102 1.14 26.99 13.21
CA ASN B 102 -0.05 27.55 13.82
C ASN B 102 -1.20 27.65 12.85
N LYS B 103 -0.93 27.65 11.55
CA LYS B 103 -1.98 27.73 10.55
C LYS B 103 -2.25 26.38 9.88
N LEU B 104 -1.64 25.30 10.39
CA LEU B 104 -1.90 23.93 9.94
C LEU B 104 -2.55 23.10 11.04
N THR B 105 -3.35 22.11 10.62
CA THR B 105 -3.89 21.10 11.53
C THR B 105 -2.88 19.96 11.69
N ASP B 106 -3.07 19.18 12.76
CA ASP B 106 -2.17 18.06 13.00
C ASP B 106 -2.39 16.92 12.01
N LEU B 107 -3.60 16.80 11.44
CA LEU B 107 -3.77 15.86 10.34
C LEU B 107 -2.96 16.29 9.13
N GLU B 108 -2.88 17.60 8.89
CA GLU B 108 -2.06 18.11 7.81
C GLU B 108 -0.58 17.84 8.07
N ILE B 109 -0.12 18.12 9.29
CA ILE B 109 1.31 17.94 9.59
C ILE B 109 1.69 16.47 9.52
N LEU B 110 0.81 15.60 10.02
CA LEU B 110 1.06 14.16 9.98
C LEU B 110 1.17 13.66 8.54
N ALA B 111 0.23 14.07 7.68
CA ALA B 111 0.26 13.69 6.28
C ALA B 111 1.50 14.23 5.56
N LEU B 112 1.89 15.48 5.85
CA LEU B 112 3.06 16.05 5.19
C LEU B 112 4.33 15.29 5.54
N LEU B 113 4.49 14.92 6.82
CA LEU B 113 5.68 14.16 7.18
C LEU B 113 5.67 12.80 6.51
N ILE B 114 4.50 12.14 6.52
CA ILE B 114 4.37 10.82 5.91
C ILE B 114 4.60 10.89 4.41
N ALA B 115 4.05 11.92 3.74
CA ALA B 115 4.23 12.06 2.30
C ALA B 115 5.67 12.36 1.95
N ALA B 116 6.32 13.27 2.69
CA ALA B 116 7.73 13.52 2.48
C ALA B 116 8.51 12.21 2.55
N LEU B 117 8.21 11.37 3.54
CA LEU B 117 8.95 10.11 3.71
C LEU B 117 8.62 9.08 2.63
N SER B 118 7.41 9.14 2.06
CA SER B 118 6.85 8.08 1.24
C SER B 118 6.72 8.45 -0.24
N HIS B 119 7.01 9.69 -0.63
CA HIS B 119 6.57 10.12 -1.95
C HIS B 119 7.29 9.43 -3.10
N ASP B 120 8.41 8.74 -2.87
CA ASP B 120 9.09 8.04 -3.96
C ASP B 120 9.02 6.52 -3.86
N LEU B 121 8.13 5.98 -3.02
CA LEU B 121 8.03 4.53 -2.87
C LEU B 121 7.56 3.84 -4.14
N ASP B 122 6.81 4.54 -4.98
CA ASP B 122 6.29 3.93 -6.19
C ASP B 122 7.14 4.26 -7.41
N HIS B 123 8.37 4.72 -7.20
CA HIS B 123 9.17 5.21 -8.32
C HIS B 123 9.50 4.11 -9.32
N ARG B 124 9.64 2.87 -8.86
CA ARG B 124 9.88 1.78 -9.81
C ARG B 124 8.58 1.21 -10.37
N GLY B 125 7.46 1.35 -9.65
CA GLY B 125 6.20 0.85 -10.16
C GLY B 125 5.62 1.68 -11.29
N VAL B 126 5.66 3.02 -11.15
CA VAL B 126 4.97 3.89 -12.10
C VAL B 126 5.85 4.39 -13.22
N ASN B 127 7.15 4.05 -13.24
CA ASN B 127 8.09 4.56 -14.23
C ASN B 127 8.79 3.42 -14.95
N ASN B 128 8.52 3.24 -16.26
CA ASN B 128 9.29 2.30 -17.06
C ASN B 128 10.71 2.83 -17.26
N SER B 129 10.82 4.06 -17.73
CA SER B 129 12.08 4.79 -17.75
C SER B 129 12.45 5.24 -16.33
N TYR B 130 13.56 5.97 -16.23
CA TYR B 130 14.03 6.56 -14.96
C TYR B 130 14.52 5.53 -13.93
N ILE B 131 14.30 4.23 -14.15
CA ILE B 131 14.67 3.22 -13.14
C ILE B 131 16.15 2.85 -13.15
N GLN B 132 16.83 2.96 -14.30
CA GLN B 132 18.21 2.49 -14.37
C GLN B 132 19.16 3.46 -13.69
N ARG B 133 18.95 4.76 -13.91
CA ARG B 133 19.89 5.80 -13.48
C ARG B 133 19.10 6.99 -12.93
N SER B 134 19.74 7.74 -12.02
CA SER B 134 19.20 9.00 -11.52
C SER B 134 19.23 10.01 -12.65
N GLU B 135 18.07 10.56 -12.98
CA GLU B 135 17.98 11.51 -14.07
C GLU B 135 17.63 12.90 -13.56
N HIS B 136 18.23 13.89 -14.20
CA HIS B 136 18.04 15.27 -13.78
C HIS B 136 16.54 15.60 -13.77
N PRO B 137 16.07 16.33 -12.75
CA PRO B 137 14.63 16.65 -12.66
C PRO B 137 14.03 17.30 -13.91
N LEU B 138 14.81 17.99 -14.72
CA LEU B 138 14.27 18.54 -15.96
C LEU B 138 14.35 17.56 -17.13
N ALA B 139 14.86 16.35 -16.92
CA ALA B 139 14.88 15.38 -18.02
C ALA B 139 13.47 14.97 -18.43
N GLN B 140 12.55 14.94 -17.47
CA GLN B 140 11.20 14.51 -17.78
C GLN B 140 10.52 15.50 -18.73
N LEU B 141 10.85 16.79 -18.61
CA LEU B 141 10.25 17.82 -19.45
C LEU B 141 10.73 17.70 -20.88
N TYR B 142 12.03 17.47 -21.09
CA TYR B 142 12.63 17.62 -22.41
C TYR B 142 13.11 16.32 -23.03
N CYS B 143 13.17 15.22 -22.29
CA CYS B 143 13.80 14.01 -22.81
C CYS B 143 12.85 12.85 -23.01
N HIS B 144 11.73 12.81 -22.32
CA HIS B 144 10.84 11.65 -22.37
C HIS B 144 9.43 12.13 -22.61
N SER B 145 8.72 11.48 -23.55
CA SER B 145 7.31 11.76 -23.78
C SER B 145 6.51 11.61 -22.48
N ILE B 146 6.67 10.46 -21.81
CA ILE B 146 6.10 10.27 -20.48
C ILE B 146 7.01 10.95 -19.46
N MET B 147 6.42 11.50 -18.40
CA MET B 147 7.17 12.23 -17.40
C MET B 147 7.40 11.38 -16.14
N GLU B 148 8.18 11.94 -15.22
CA GLU B 148 8.57 11.21 -14.02
C GLU B 148 7.48 11.41 -12.96
N HIS B 149 6.83 10.31 -12.57
CA HIS B 149 5.61 10.40 -11.79
C HIS B 149 5.78 9.73 -10.43
N HIS B 150 4.90 10.12 -9.50
CA HIS B 150 4.87 9.62 -8.14
C HIS B 150 3.52 8.96 -7.91
N HIS B 151 3.50 8.00 -6.98
CA HIS B 151 2.22 7.43 -6.58
C HIS B 151 2.25 7.11 -5.10
N PHE B 152 1.07 6.71 -4.60
CA PHE B 152 0.81 6.59 -3.17
C PHE B 152 0.34 5.21 -2.73
N ASP B 153 0.17 4.25 -3.65
CA ASP B 153 -0.35 2.95 -3.25
C ASP B 153 0.65 2.18 -2.40
N GLN B 154 1.92 2.15 -2.83
CA GLN B 154 2.95 1.51 -2.01
C GLN B 154 2.99 2.13 -0.63
N CYS B 155 2.92 3.46 -0.57
CA CYS B 155 2.83 4.17 0.70
C CYS B 155 1.68 3.62 1.53
N LEU B 156 0.50 3.50 0.93
CA LEU B 156 -0.68 3.07 1.68
C LEU B 156 -0.58 1.60 2.08
N MET B 157 -0.06 0.76 1.18
CA MET B 157 0.16 -0.63 1.54
C MET B 157 1.01 -0.75 2.79
N ILE B 158 2.07 0.06 2.88
CA ILE B 158 2.95 -0.01 4.05
C ILE B 158 2.23 0.53 5.28
N LEU B 159 1.56 1.68 5.15
CA LEU B 159 0.77 2.24 6.26
C LEU B 159 -0.23 1.25 6.81
N ASN B 160 -0.90 0.49 5.94
CA ASN B 160 -1.95 -0.42 6.38
C ASN B 160 -1.47 -1.84 6.64
N SER B 161 -0.16 -2.11 6.60
CA SER B 161 0.32 -3.44 6.93
C SER B 161 0.30 -3.65 8.43
N PRO B 162 -0.12 -4.84 8.90
CA PRO B 162 -0.11 -5.11 10.35
C PRO B 162 1.28 -4.95 10.94
N GLY B 163 1.34 -4.40 12.15
CA GLY B 163 2.59 -4.03 12.76
C GLY B 163 3.11 -2.66 12.37
N ASN B 164 2.63 -2.07 11.28
CA ASN B 164 3.15 -0.79 10.79
C ASN B 164 2.12 0.32 10.89
N GLN B 165 1.02 0.10 11.62
CA GLN B 165 -0.18 0.93 11.47
C GLN B 165 -0.13 2.14 12.39
N ILE B 166 0.67 3.13 11.98
CA ILE B 166 0.86 4.33 12.78
C ILE B 166 -0.37 5.22 12.82
N LEU B 167 -1.35 4.97 11.93
CA LEU B 167 -2.60 5.73 11.95
C LEU B 167 -3.74 4.97 12.63
N SER B 168 -3.43 3.88 13.32
CA SER B 168 -4.50 3.07 13.90
C SER B 168 -5.28 3.82 14.97
N GLY B 169 -4.68 4.81 15.60
CA GLY B 169 -5.44 5.62 16.54
C GLY B 169 -6.24 6.75 15.93
N LEU B 170 -6.44 6.75 14.61
CA LEU B 170 -7.28 7.74 13.96
C LEU B 170 -8.65 7.15 13.75
N SER B 171 -9.68 7.99 13.84
CA SER B 171 -11.02 7.56 13.44
C SER B 171 -11.09 7.38 11.94
N ILE B 172 -12.25 6.91 11.47
CA ILE B 172 -12.43 6.77 10.03
C ILE B 172 -12.37 8.13 9.34
N GLU B 173 -13.00 9.15 9.93
CA GLU B 173 -13.01 10.47 9.32
C GLU B 173 -11.63 11.12 9.33
N GLU B 174 -10.95 11.06 10.47
CA GLU B 174 -9.55 11.49 10.54
C GLU B 174 -8.71 10.79 9.49
N TYR B 175 -8.87 9.46 9.37
CA TYR B 175 -8.11 8.68 8.39
C TYR B 175 -8.39 9.16 6.97
N LYS B 176 -9.66 9.37 6.62
CA LYS B 176 -9.97 9.82 5.26
C LYS B 176 -9.43 11.21 4.97
N THR B 177 -9.45 12.10 5.96
CA THR B 177 -8.89 13.43 5.79
C THR B 177 -7.38 13.36 5.59
N THR B 178 -6.69 12.59 6.44
CA THR B 178 -5.24 12.44 6.34
C THR B 178 -4.84 11.82 5.00
N LEU B 179 -5.57 10.79 4.58
CA LEU B 179 -5.32 10.12 3.31
C LEU B 179 -5.43 11.09 2.14
N LYS B 180 -6.44 11.94 2.16
CA LYS B 180 -6.59 12.88 1.06
C LYS B 180 -5.39 13.80 0.94
N ILE B 181 -4.82 14.20 2.10
CA ILE B 181 -3.70 15.13 2.07
C ILE B 181 -2.42 14.40 1.66
N ILE B 182 -2.26 13.14 2.10
CA ILE B 182 -1.10 12.34 1.69
C ILE B 182 -1.08 12.18 0.18
N LYS B 183 -2.21 11.80 -0.42
CA LYS B 183 -2.28 11.63 -1.87
C LYS B 183 -1.95 12.94 -2.60
N GLN B 184 -2.47 14.07 -2.10
CA GLN B 184 -2.18 15.34 -2.76
C GLN B 184 -0.77 15.84 -2.48
N ALA B 185 -0.17 15.46 -1.35
CA ALA B 185 1.21 15.87 -1.12
C ALA B 185 2.17 15.01 -1.93
N ILE B 186 1.89 13.72 -2.08
CA ILE B 186 2.75 12.86 -2.91
C ILE B 186 2.64 13.25 -4.38
N LEU B 187 1.41 13.50 -4.85
CA LEU B 187 1.23 13.93 -6.23
C LEU B 187 1.88 15.29 -6.49
N ALA B 188 1.93 16.16 -5.49
CA ALA B 188 2.47 17.50 -5.71
C ALA B 188 3.96 17.50 -6.01
N THR B 189 4.66 16.39 -5.76
CA THR B 189 6.06 16.28 -6.12
C THR B 189 6.28 15.95 -7.60
N ASP B 190 5.22 15.65 -8.36
CA ASP B 190 5.28 15.68 -9.81
C ASP B 190 5.62 17.09 -10.27
N LEU B 191 6.75 17.23 -10.94
CA LEU B 191 7.15 18.54 -11.44
C LEU B 191 6.10 19.11 -12.39
N ALA B 192 5.38 18.25 -13.09
CA ALA B 192 4.26 18.71 -13.92
C ALA B 192 3.24 19.48 -13.08
N LEU B 193 2.79 18.89 -11.96
CA LEU B 193 1.80 19.55 -11.12
C LEU B 193 2.32 20.85 -10.52
N TYR B 194 3.61 20.90 -10.17
CA TYR B 194 4.18 22.11 -9.61
C TYR B 194 4.11 23.26 -10.62
N ILE B 195 4.49 23.01 -11.87
CA ILE B 195 4.43 24.09 -12.85
C ILE B 195 2.99 24.49 -13.12
N LYS B 196 2.10 23.50 -13.16
CA LYS B 196 0.68 23.78 -13.32
C LYS B 196 0.15 24.77 -12.30
N ARG B 197 0.57 24.65 -11.03
CA ARG B 197 -0.09 25.39 -9.95
C ARG B 197 0.73 26.57 -9.41
N ARG B 198 2.00 26.71 -9.80
CA ARG B 198 2.83 27.75 -9.19
C ARG B 198 2.43 29.14 -9.64
N GLY B 199 1.87 29.26 -10.85
CA GLY B 199 1.45 30.57 -11.35
C GLY B 199 0.47 31.25 -10.40
N GLU B 200 -0.54 30.52 -9.95
CA GLU B 200 -1.48 31.11 -9.00
C GLU B 200 -0.77 31.54 -7.74
N PHE B 201 0.05 30.65 -7.17
CA PHE B 201 0.85 30.94 -5.98
C PHE B 201 1.63 32.24 -6.11
N PHE B 202 2.46 32.36 -7.17
CA PHE B 202 3.27 33.57 -7.36
C PHE B 202 2.38 34.80 -7.50
N GLU B 203 1.34 34.71 -8.35
CA GLU B 203 0.42 35.82 -8.57
C GLU B 203 -0.17 36.35 -7.25
N LEU B 204 -0.73 35.44 -6.42
CA LEU B 204 -1.32 35.87 -5.16
C LEU B 204 -0.28 36.51 -4.27
N ILE B 205 0.97 36.05 -4.35
CA ILE B 205 2.04 36.67 -3.58
C ILE B 205 2.33 38.07 -4.10
N ARG B 206 2.38 38.23 -5.44
CA ARG B 206 2.71 39.51 -6.04
C ARG B 206 1.71 40.60 -5.61
N LYS B 207 0.44 40.26 -5.49
CA LYS B 207 -0.59 41.23 -5.10
C LYS B 207 -0.78 41.34 -3.59
N ASN B 208 0.11 40.72 -2.81
CA ASN B 208 -0.09 40.58 -1.38
C ASN B 208 -1.49 40.10 -1.00
N GLN B 209 -2.05 39.18 -1.77
CA GLN B 209 -3.34 38.57 -1.47
C GLN B 209 -3.22 37.16 -0.89
N PHE B 210 -2.05 36.81 -0.35
CA PHE B 210 -1.80 35.42 0.08
C PHE B 210 -1.75 35.34 1.61
N ASN B 211 -2.69 34.60 2.18
CA ASN B 211 -2.75 34.37 3.62
C ASN B 211 -2.99 32.88 3.85
N LEU B 212 -2.11 32.26 4.66
CA LEU B 212 -2.34 30.87 5.05
C LEU B 212 -3.65 30.67 5.79
N GLU B 213 -4.34 31.74 6.22
CA GLU B 213 -5.64 31.57 6.85
C GLU B 213 -6.67 31.00 5.87
N ASP B 214 -6.50 31.26 4.57
CA ASP B 214 -7.47 30.82 3.58
C ASP B 214 -7.27 29.35 3.27
N PRO B 215 -8.29 28.51 3.47
CA PRO B 215 -8.13 27.06 3.21
C PRO B 215 -7.56 26.75 1.85
N HIS B 216 -8.04 27.42 0.80
CA HIS B 216 -7.61 27.09 -0.55
C HIS B 216 -6.15 27.51 -0.78
N GLN B 217 -5.77 28.66 -0.23
CA GLN B 217 -4.40 29.12 -0.37
C GLN B 217 -3.45 28.26 0.45
N LYS B 218 -3.91 27.75 1.60
CA LYS B 218 -3.09 26.84 2.38
C LYS B 218 -2.86 25.53 1.63
N GLU B 219 -3.92 24.99 0.99
CA GLU B 219 -3.77 23.77 0.19
C GLU B 219 -2.74 23.97 -0.91
N LEU B 220 -2.77 25.11 -1.59
CA LEU B 220 -1.77 25.41 -2.61
C LEU B 220 -0.39 25.52 -1.99
N PHE B 221 -0.30 26.15 -0.81
CA PHE B 221 0.99 26.28 -0.17
C PHE B 221 1.60 24.92 0.16
N LEU B 222 0.77 23.96 0.57
CA LEU B 222 1.31 22.65 0.93
C LEU B 222 1.93 21.96 -0.27
N ALA B 223 1.26 22.05 -1.43
CA ALA B 223 1.83 21.54 -2.67
C ALA B 223 3.18 22.20 -2.93
N MET B 224 3.21 23.53 -2.84
CA MET B 224 4.44 24.27 -3.05
C MET B 224 5.52 23.84 -2.06
N LEU B 225 5.15 23.63 -0.79
CA LEU B 225 6.12 23.21 0.23
C LEU B 225 6.74 21.84 -0.10
N MET B 226 5.91 20.89 -0.55
CA MET B 226 6.42 19.58 -0.93
C MET B 226 7.46 19.71 -2.03
N THR B 227 7.16 20.50 -3.07
CA THR B 227 8.13 20.77 -4.12
C THR B 227 9.40 21.36 -3.54
N ALA B 228 9.26 22.33 -2.61
CA ALA B 228 10.43 22.94 -2.01
C ALA B 228 11.27 21.93 -1.24
N CYS B 229 10.62 21.03 -0.49
CA CYS B 229 11.38 20.03 0.25
C CYS B 229 12.02 19.01 -0.69
N ASP B 230 11.27 18.56 -1.70
CA ASP B 230 11.78 17.55 -2.64
C ASP B 230 13.00 18.05 -3.41
N LEU B 231 13.04 19.34 -3.74
CA LEU B 231 14.14 19.90 -4.51
C LEU B 231 15.24 20.50 -3.64
N SER B 232 15.15 20.35 -2.32
CA SER B 232 15.97 21.16 -1.42
C SER B 232 17.47 20.89 -1.51
N ALA B 233 17.91 19.84 -2.21
CA ALA B 233 19.36 19.67 -2.41
C ALA B 233 19.95 20.88 -3.13
N ILE B 234 19.15 21.55 -3.96
CA ILE B 234 19.59 22.77 -4.62
C ILE B 234 19.87 23.91 -3.65
N THR B 235 19.41 23.80 -2.39
CA THR B 235 19.65 24.82 -1.37
C THR B 235 20.83 24.49 -0.46
N LYS B 236 21.39 23.29 -0.54
CA LYS B 236 22.34 22.84 0.46
C LYS B 236 23.69 23.57 0.32
N PRO B 237 24.45 23.70 1.43
CA PRO B 237 25.83 24.18 1.33
C PRO B 237 26.55 23.55 0.14
N TRP B 238 27.41 24.34 -0.52
CA TRP B 238 27.95 24.01 -1.84
C TRP B 238 28.48 22.58 -2.00
N PRO B 239 29.33 22.03 -1.12
CA PRO B 239 29.87 20.69 -1.40
C PRO B 239 28.81 19.59 -1.36
N ILE B 240 27.70 19.78 -0.63
CA ILE B 240 26.60 18.82 -0.68
C ILE B 240 25.90 18.91 -2.04
N GLN B 241 25.50 20.12 -2.43
CA GLN B 241 24.85 20.34 -3.70
C GLN B 241 25.69 19.82 -4.85
N GLN B 242 26.98 20.12 -4.85
CA GLN B 242 27.82 19.66 -5.96
C GLN B 242 27.87 18.13 -6.02
N ARG B 243 27.97 17.49 -4.85
CA ARG B 243 28.00 16.04 -4.80
C ARG B 243 26.72 15.42 -5.35
N ILE B 244 25.55 15.96 -4.95
CA ILE B 244 24.28 15.44 -5.44
C ILE B 244 24.13 15.72 -6.93
N ALA B 245 24.46 16.94 -7.36
CA ALA B 245 24.29 17.30 -8.76
C ALA B 245 25.11 16.40 -9.67
N GLU B 246 26.27 15.95 -9.20
CA GLU B 246 27.20 15.21 -10.04
C GLU B 246 26.88 13.73 -10.14
N LEU B 247 25.97 13.20 -9.31
CA LEU B 247 25.55 11.81 -9.46
C LEU B 247 24.87 11.58 -10.80
N VAL B 248 24.31 12.63 -11.39
CA VAL B 248 23.68 12.53 -12.70
C VAL B 248 24.60 11.87 -13.72
N ALA B 249 25.91 11.95 -13.50
CA ALA B 249 26.91 11.28 -14.35
C ALA B 249 27.57 10.10 -13.63
N THR B 250 26.80 9.15 -13.10
CA THR B 250 27.39 8.00 -12.40
C THR B 250 26.41 6.84 -12.32
N GLU B 251 26.93 5.63 -12.56
CA GLU B 251 26.24 4.34 -12.31
C GLU B 251 24.98 4.11 -13.13
N LYS B 276 28.89 16.01 -17.72
CA LYS B 276 29.87 16.15 -16.64
C LYS B 276 30.33 17.61 -16.49
N ASN B 277 30.91 18.15 -17.57
CA ASN B 277 31.21 19.57 -17.61
C ASN B 277 30.00 20.38 -18.01
N LYS B 278 28.93 19.74 -18.48
CA LYS B 278 27.71 20.51 -18.71
C LYS B 278 26.79 20.54 -17.50
N ILE B 279 27.14 19.86 -16.41
CA ILE B 279 26.36 19.94 -15.18
C ILE B 279 26.23 21.38 -14.67
N PRO B 280 27.28 22.21 -14.66
CA PRO B 280 27.06 23.61 -14.21
C PRO B 280 25.94 24.33 -14.95
N SER B 281 25.87 24.19 -16.27
CA SER B 281 24.81 24.87 -17.03
C SER B 281 23.46 24.17 -16.85
N MET B 282 23.47 22.84 -16.67
CA MET B 282 22.23 22.16 -16.32
C MET B 282 21.64 22.72 -15.01
N GLN B 283 22.50 22.99 -14.02
CA GLN B 283 22.02 23.44 -12.73
C GLN B 283 21.58 24.90 -12.78
N VAL B 284 22.29 25.74 -13.53
CA VAL B 284 21.88 27.14 -13.66
C VAL B 284 20.50 27.22 -14.33
N GLY B 285 20.25 26.38 -15.34
CA GLY B 285 18.93 26.36 -15.96
C GLY B 285 17.86 25.86 -15.02
N PHE B 286 18.18 24.82 -14.23
CA PHE B 286 17.29 24.30 -13.20
C PHE B 286 16.93 25.39 -12.19
N ILE B 287 17.92 26.17 -11.76
CA ILE B 287 17.64 27.24 -10.80
C ILE B 287 16.81 28.35 -11.42
N ASP B 288 17.07 28.70 -12.68
CA ASP B 288 16.32 29.80 -13.30
C ASP B 288 14.91 29.37 -13.68
N ALA B 289 14.75 28.14 -14.19
CA ALA B 289 13.46 27.66 -14.64
C ALA B 289 12.58 27.15 -13.51
N ILE B 290 13.16 26.69 -12.39
CA ILE B 290 12.36 26.03 -11.34
C ILE B 290 12.64 26.59 -9.95
N CYS B 291 13.88 26.50 -9.48
CA CYS B 291 14.12 26.55 -8.04
C CYS B 291 14.00 27.95 -7.45
N LEU B 292 14.66 28.96 -8.05
CA LEU B 292 14.82 30.24 -7.36
C LEU B 292 13.49 30.94 -7.09
N GLN B 293 12.58 30.96 -8.08
CA GLN B 293 11.26 31.54 -7.85
C GLN B 293 10.58 30.90 -6.64
N LEU B 294 10.69 29.57 -6.53
CA LEU B 294 10.00 28.82 -5.49
C LEU B 294 10.50 29.23 -4.10
N TYR B 295 11.82 29.26 -3.91
CA TYR B 295 12.35 29.59 -2.60
C TYR B 295 12.12 31.06 -2.26
N GLU B 296 12.15 31.94 -3.25
CA GLU B 296 11.69 33.31 -3.03
C GLU B 296 10.27 33.31 -2.48
N ALA B 297 9.34 32.70 -3.21
CA ALA B 297 7.94 32.71 -2.81
C ALA B 297 7.78 32.14 -1.41
N LEU B 298 8.47 31.04 -1.12
CA LEU B 298 8.40 30.41 0.20
C LEU B 298 8.93 31.35 1.29
N THR B 299 10.01 32.06 0.98
CA THR B 299 10.54 33.03 1.94
C THR B 299 9.57 34.19 2.13
N HIS B 300 8.80 34.55 1.09
CA HIS B 300 7.77 35.56 1.27
C HIS B 300 6.71 35.09 2.27
N VAL B 301 6.33 33.82 2.21
CA VAL B 301 5.32 33.33 3.12
C VAL B 301 5.89 33.15 4.51
N SER B 302 7.08 32.56 4.61
CA SER B 302 7.73 32.32 5.89
C SER B 302 9.17 32.85 5.79
N GLU B 303 9.40 34.05 6.33
CA GLU B 303 10.73 34.64 6.30
C GLU B 303 11.79 33.69 6.90
N ASP B 304 11.37 32.85 7.84
CA ASP B 304 12.36 32.00 8.51
C ASP B 304 12.83 30.85 7.62
N CYS B 305 12.24 30.71 6.43
CA CYS B 305 12.79 29.83 5.42
C CYS B 305 13.83 30.53 4.55
N PHE B 306 14.25 31.74 4.92
CA PHE B 306 15.24 32.45 4.11
C PHE B 306 16.52 31.65 3.88
N PRO B 307 17.05 30.84 4.81
CA PRO B 307 18.26 30.08 4.49
C PRO B 307 18.14 29.17 3.28
N LEU B 308 16.93 28.75 2.89
CA LEU B 308 16.78 27.96 1.67
C LEU B 308 17.00 28.82 0.43
N LEU B 309 16.37 29.99 0.38
CA LEU B 309 16.62 30.93 -0.70
C LEU B 309 18.10 31.28 -0.76
N ASP B 310 18.68 31.67 0.38
CA ASP B 310 20.09 32.05 0.43
C ASP B 310 20.97 30.94 -0.14
N GLY B 311 20.68 29.69 0.25
CA GLY B 311 21.47 28.56 -0.23
C GLY B 311 21.29 28.32 -1.71
N CYS B 312 20.06 28.51 -2.22
CA CYS B 312 19.84 28.40 -3.66
C CYS B 312 20.65 29.45 -4.40
N ARG B 313 20.60 30.70 -3.94
CA ARG B 313 21.38 31.76 -4.56
C ARG B 313 22.87 31.43 -4.58
N LYS B 314 23.42 31.04 -3.43
CA LYS B 314 24.85 30.76 -3.35
C LYS B 314 25.24 29.67 -4.34
N ASN B 315 24.42 28.64 -4.50
CA ASN B 315 24.74 27.58 -5.45
C ASN B 315 24.62 28.05 -6.90
N ARG B 316 23.75 29.02 -7.19
CA ARG B 316 23.70 29.56 -8.54
C ARG B 316 25.01 30.23 -8.90
N GLN B 317 25.59 30.99 -7.96
CA GLN B 317 26.89 31.61 -8.25
C GLN B 317 28.00 30.57 -8.45
N LYS B 318 28.06 29.55 -7.58
CA LYS B 318 29.12 28.56 -7.76
C LYS B 318 28.99 27.84 -9.10
N TRP B 319 27.75 27.54 -9.53
CA TRP B 319 27.58 26.84 -10.80
C TRP B 319 27.81 27.78 -11.97
N GLN B 320 27.37 29.04 -11.85
CA GLN B 320 27.58 30.01 -12.91
C GLN B 320 29.06 30.24 -13.16
N ALA B 321 29.82 30.49 -12.09
CA ALA B 321 31.27 30.61 -12.20
C ALA B 321 31.87 29.39 -12.89
N LEU B 322 31.39 28.20 -12.55
CA LEU B 322 31.88 27.01 -13.22
C LEU B 322 31.40 26.91 -14.66
N ALA B 323 30.18 27.40 -14.94
CA ALA B 323 29.64 27.32 -16.29
C ALA B 323 30.52 28.11 -17.26
N GLU B 324 30.98 29.29 -16.84
CA GLU B 324 31.91 30.15 -17.56
C GLU B 324 33.31 29.53 -17.69
N GLN B 325 33.44 28.26 -17.30
CA GLN B 325 34.71 27.53 -17.07
C GLN B 325 35.64 28.21 -16.06
C1 FZA C . -6.25 -10.68 -4.23
C8 FZA C . -3.50 -8.08 -0.98
C6 FZA C . -5.53 -11.01 -3.09
C5 FZA C . -4.68 -10.07 -2.47
C4 FZA C . -4.72 -8.76 -2.94
C3 FZA C . -5.46 -8.42 -4.07
C2 FZA C . -6.20 -9.39 -4.72
C10 FZA C . -3.86 -10.43 -1.29
C14 FZA C . -2.00 -7.30 0.75
C12 FZA C . -3.14 -7.09 -0.03
O11 FZA C . -3.51 -11.58 -1.02
O24 FZA C . -5.77 -12.18 -2.41
C25 FZA C . -6.78 -13.05 -2.94
N7 FZA C . -4.08 -7.79 -2.15
C26 FZA C . -4.02 -6.43 -2.72
N17 FZA C . -3.73 -5.80 0.32
C18 FZA C . -2.92 -5.26 1.30
C20 FZA C . -3.01 -4.03 1.96
C21 FZA C . -2.10 -3.71 2.96
C22 FZA C . -1.07 -4.57 3.27
C23 FZA C . -0.93 -5.77 2.60
O27 FZA C . 0.06 -6.68 2.87
C28 FZA C . 0.98 -6.36 3.91
C19 FZA C . -1.85 -6.14 1.61
C15 FZA C . -1.37 -8.65 0.83
C16 FZA C . -2.45 -9.70 0.57
N9 FZA C . -3.31 -9.35 -0.59
C1 FZA D . 17.99 17.16 -0.13
C8 FZA D . 20.84 13.08 -0.59
C6 FZA D . 17.86 15.97 -0.82
C5 FZA D . 18.94 15.05 -0.90
C4 FZA D . 20.08 15.35 -0.18
C3 FZA D . 20.22 16.54 0.50
C2 FZA D . 19.18 17.45 0.50
C10 FZA D . 18.81 13.78 -1.64
C14 FZA D . 21.89 10.96 -1.21
C12 FZA D . 21.62 11.94 -0.23
O11 FZA D . 18.00 13.62 -2.53
O24 FZA D . 16.65 15.54 -1.31
C25 FZA D . 15.50 16.30 -0.92
N7 FZA D . 21.02 14.30 -0.06
C26 FZA D . 22.24 14.65 0.68
N17 FZA D . 22.27 11.56 1.01
C18 FZA D . 22.94 10.37 0.76
C20 FZA D . 23.74 9.59 1.62
C21 FZA D . 24.34 8.44 1.15
C22 FZA D . 24.15 8.02 -0.17
C23 FZA D . 23.34 8.76 -1.02
O27 FZA D . 22.99 8.34 -2.28
C28 FZA D . 23.34 7.01 -2.68
C19 FZA D . 22.74 9.95 -0.58
C15 FZA D . 20.98 10.79 -2.39
C16 FZA D . 19.66 11.52 -2.11
N9 FZA D . 19.81 12.82 -1.41
#